data_4JWI
#
_entry.id   4JWI
#
_cell.length_a   77.914
_cell.length_b   161.159
_cell.length_c   45.114
_cell.angle_alpha   90.00
_cell.angle_beta   90.00
_cell.angle_gamma   90.00
#
_symmetry.space_group_name_H-M   'P 21 21 2'
#
loop_
_entity.id
_entity.type
_entity.pdbx_description
1 polymer 'Chaperone protein DnaK'
2 polymer Cathelicidin-3
3 non-polymer 'SULFATE ION'
4 water water
#
loop_
_entity_poly.entity_id
_entity_poly.type
_entity_poly.pdbx_seq_one_letter_code
_entity_poly.pdbx_strand_id
1 'polypeptide(L)'
;VLLLDVTPLSLGIETMGGVMTTLIAKNTTIPTKHSQVFSTAEDNQSAVTIHVLQGERKRAADNKSLGQFNLDGINPAPRG
MPQIEVTFDIDADGILHVSAKDKNSGKEQKITIKASSGLNEDEIQKMVRDAEANAEADRKFEELVQTRNQGDHLLHSTRK
QVEEAGDKLPADDKTAIESALTALETALKGEDKAAIEAKMQELAQVSQKLMEIAQQQHA
;
A,B
2 'polypeptide(L)' PRPILLPWR(NH2) C,D
#
# COMPACT_ATOMS: atom_id res chain seq x y z
N VAL A 1 1.64 32.84 21.73
CA VAL A 1 0.95 33.04 20.43
C VAL A 1 -0.24 32.08 20.28
N LEU A 2 -1.35 32.55 19.68
CA LEU A 2 -2.56 31.76 19.47
C LEU A 2 -2.64 31.08 18.13
N LEU A 3 -1.72 31.49 17.22
CA LEU A 3 -1.62 30.97 15.88
C LEU A 3 -0.21 31.10 15.37
N LEU A 4 0.15 30.26 14.39
CA LEU A 4 1.44 30.28 13.73
C LEU A 4 1.40 29.38 12.50
N ASP A 5 2.44 29.45 11.68
CA ASP A 5 2.53 28.63 10.48
C ASP A 5 3.19 27.29 10.71
N VAL A 6 2.56 26.22 10.20
CA VAL A 6 3.12 24.88 10.23
C VAL A 6 3.17 24.33 8.85
N THR A 7 3.96 23.27 8.66
CA THR A 7 3.89 22.47 7.46
C THR A 7 2.84 21.39 7.88
N PRO A 8 1.74 21.24 7.15
CA PRO A 8 0.65 20.40 7.68
C PRO A 8 0.84 18.88 7.61
N LEU A 9 1.81 18.41 6.81
CA LEU A 9 2.06 16.98 6.64
C LEU A 9 3.52 16.69 6.70
N SER A 10 3.90 15.44 7.05
CA SER A 10 5.30 15.04 7.07
C SER A 10 5.88 15.17 5.65
N LEU A 11 7.17 15.56 5.61
CA LEU A 11 7.96 15.71 4.40
C LEU A 11 9.17 14.83 4.50
N GLY A 12 9.45 14.12 3.43
CA GLY A 12 10.58 13.20 3.38
C GLY A 12 10.89 12.68 2.00
N ILE A 13 11.60 11.57 1.96
CA ILE A 13 12.04 11.00 0.70
C ILE A 13 11.75 9.52 0.63
N GLU A 14 11.75 8.97 -0.59
CA GLU A 14 11.62 7.53 -0.78
C GLU A 14 12.98 6.89 -0.52
N THR A 15 13.00 5.80 0.27
CA THR A 15 14.24 5.09 0.55
C THR A 15 14.06 3.64 0.11
N MET A 16 15.14 2.87 0.15
CA MET A 16 15.23 1.47 -0.27
C MET A 16 14.01 0.63 0.11
N GLY A 17 13.40 0.03 -0.89
CA GLY A 17 12.24 -0.84 -0.70
C GLY A 17 10.89 -0.18 -0.84
N GLY A 18 10.85 1.12 -1.17
CA GLY A 18 9.60 1.85 -1.42
C GLY A 18 8.89 2.41 -0.21
N VAL A 19 9.68 2.76 0.81
CA VAL A 19 9.18 3.35 2.05
C VAL A 19 9.41 4.85 2.04
N MET A 20 8.58 5.59 2.77
CA MET A 20 8.82 7.03 2.90
C MET A 20 9.61 7.20 4.20
N THR A 21 10.75 7.92 4.14
CA THR A 21 11.51 8.25 5.34
C THR A 21 11.27 9.75 5.59
N THR A 22 10.78 10.09 6.77
CA THR A 22 10.47 11.48 7.14
C THR A 22 11.70 12.26 7.52
N LEU A 23 11.78 13.52 7.05
CA LEU A 23 12.80 14.52 7.41
C LEU A 23 12.21 15.65 8.24
N ILE A 24 10.93 16.01 7.96
CA ILE A 24 10.20 17.03 8.72
C ILE A 24 8.83 16.44 9.07
N ALA A 25 8.54 16.34 10.37
CA ALA A 25 7.28 15.80 10.87
C ALA A 25 6.10 16.74 10.60
N LYS A 26 4.87 16.19 10.46
CA LYS A 26 3.66 17.01 10.29
C LYS A 26 3.52 17.96 11.47
N ASN A 27 3.02 19.17 11.21
CA ASN A 27 2.77 20.22 12.20
C ASN A 27 3.99 20.86 12.80
N THR A 28 5.16 20.71 12.14
CA THR A 28 6.39 21.38 12.57
C THR A 28 6.22 22.87 12.22
N THR A 29 6.58 23.76 13.14
CA THR A 29 6.50 25.19 12.86
C THR A 29 7.54 25.55 11.82
N ILE A 30 7.18 26.49 10.95
CA ILE A 30 8.05 27.00 9.91
C ILE A 30 8.47 28.47 10.22
N PRO A 31 9.69 28.92 9.86
CA PRO A 31 10.74 28.20 9.12
C PRO A 31 11.35 27.05 9.93
N THR A 32 11.81 26.02 9.22
CA THR A 32 12.46 24.84 9.80
C THR A 32 13.50 24.26 8.83
N LYS A 33 14.46 23.53 9.38
CA LYS A 33 15.52 22.91 8.59
C LYS A 33 15.93 21.60 9.26
N HIS A 34 16.08 20.54 8.47
CA HIS A 34 16.56 19.26 8.99
C HIS A 34 17.41 18.58 7.95
N SER A 35 18.51 17.99 8.43
CA SER A 35 19.46 17.25 7.60
C SER A 35 19.61 15.85 8.12
N GLN A 36 19.85 14.92 7.22
CA GLN A 36 20.11 13.53 7.61
C GLN A 36 21.04 12.92 6.59
N VAL A 37 21.96 12.07 7.06
CA VAL A 37 22.91 11.39 6.18
C VAL A 37 22.34 10.04 5.79
N PHE A 38 22.36 9.78 4.48
CA PHE A 38 21.90 8.57 3.85
C PHE A 38 23.08 7.92 3.14
N SER A 39 22.87 6.71 2.64
CA SER A 39 23.88 6.01 1.88
C SER A 39 23.29 5.24 0.71
N THR A 40 24.12 4.49 -0.01
CA THR A 40 23.72 3.70 -1.19
C THR A 40 23.13 2.35 -0.81
N ALA A 41 22.14 1.89 -1.59
CA ALA A 41 21.43 0.63 -1.36
C ALA A 41 22.26 -0.58 -1.78
N GLU A 42 23.04 -0.46 -2.87
CA GLU A 42 23.84 -1.58 -3.39
C GLU A 42 25.28 -1.17 -3.67
N ASP A 43 26.17 -2.17 -3.79
CA ASP A 43 27.59 -1.97 -4.08
C ASP A 43 27.72 -1.30 -5.46
N ASN A 44 28.74 -0.44 -5.64
CA ASN A 44 29.02 0.23 -6.91
C ASN A 44 27.98 1.20 -7.45
N GLN A 45 27.13 1.71 -6.57
CA GLN A 45 26.08 2.65 -6.95
C GLN A 45 26.70 4.03 -7.19
N SER A 46 26.57 4.57 -8.44
CA SER A 46 27.17 5.85 -8.77
CA SER A 46 27.15 5.85 -8.82
C SER A 46 26.16 7.00 -8.77
N ALA A 47 24.86 6.69 -8.60
CA ALA A 47 23.81 7.69 -8.56
C ALA A 47 22.71 7.34 -7.58
N VAL A 48 22.04 8.36 -7.03
CA VAL A 48 20.91 8.20 -6.13
C VAL A 48 19.76 9.08 -6.64
N THR A 49 18.52 8.66 -6.40
CA THR A 49 17.35 9.45 -6.72
C THR A 49 16.79 9.99 -5.42
N ILE A 50 16.54 11.30 -5.39
CA ILE A 50 15.93 11.98 -4.24
C ILE A 50 14.51 12.29 -4.68
N HIS A 51 13.57 11.46 -4.22
CA HIS A 51 12.16 11.59 -4.56
C HIS A 51 11.46 12.22 -3.36
N VAL A 52 11.07 13.49 -3.50
CA VAL A 52 10.45 14.30 -2.44
C VAL A 52 8.95 13.97 -2.27
N LEU A 53 8.54 13.62 -1.03
CA LEU A 53 7.15 13.19 -0.73
C LEU A 53 6.50 13.97 0.39
N GLN A 54 5.18 14.13 0.34
CA GLN A 54 4.39 14.75 1.40
C GLN A 54 3.28 13.78 1.82
N GLY A 55 3.17 13.50 3.13
CA GLY A 55 2.12 12.63 3.61
C GLY A 55 2.54 11.79 4.78
N GLU A 56 1.61 10.98 5.28
CA GLU A 56 1.81 10.17 6.48
C GLU A 56 1.86 8.66 6.24
N ARG A 57 1.90 8.23 5.00
CA ARG A 57 1.88 6.79 4.73
C ARG A 57 3.26 6.18 4.70
N LYS A 58 3.37 4.89 5.10
CA LYS A 58 4.66 4.21 5.07
C LYS A 58 5.09 3.80 3.67
N ARG A 59 4.14 3.48 2.77
CA ARG A 59 4.46 3.17 1.36
C ARG A 59 4.66 4.52 0.66
N ALA A 60 5.86 4.75 0.07
CA ALA A 60 6.21 5.97 -0.69
C ALA A 60 5.13 6.29 -1.72
N ALA A 61 4.66 5.25 -2.45
CA ALA A 61 3.64 5.36 -3.49
C ALA A 61 2.30 5.95 -3.00
N ASP A 62 1.99 5.82 -1.70
CA ASP A 62 0.72 6.32 -1.14
C ASP A 62 0.77 7.82 -0.80
N ASN A 63 1.95 8.41 -0.78
CA ASN A 63 2.14 9.83 -0.45
C ASN A 63 2.11 10.70 -1.67
N LYS A 64 2.00 12.03 -1.49
CA LYS A 64 1.98 13.02 -2.56
C LYS A 64 3.40 13.33 -3.01
N SER A 65 3.68 13.12 -4.30
CA SER A 65 4.99 13.43 -4.87
C SER A 65 5.10 14.95 -5.08
N LEU A 66 6.18 15.56 -4.57
CA LEU A 66 6.40 17.01 -4.73
C LEU A 66 7.45 17.29 -5.81
N GLY A 67 8.18 16.27 -6.18
CA GLY A 67 9.24 16.40 -7.17
C GLY A 67 10.39 15.46 -6.91
N GLN A 68 11.39 15.47 -7.81
CA GLN A 68 12.54 14.58 -7.69
C GLN A 68 13.71 15.06 -8.51
N PHE A 69 14.90 14.62 -8.11
CA PHE A 69 16.13 14.94 -8.81
C PHE A 69 17.12 13.82 -8.58
N ASN A 70 18.12 13.73 -9.47
CA ASN A 70 19.16 12.72 -9.32
C ASN A 70 20.45 13.36 -8.88
N LEU A 71 21.24 12.61 -8.11
CA LEU A 71 22.58 13.02 -7.71
C LEU A 71 23.51 11.93 -8.27
N ASP A 72 24.35 12.30 -9.26
CA ASP A 72 25.30 11.43 -10.00
C ASP A 72 26.76 11.76 -9.65
N GLY A 73 27.68 10.98 -10.20
CA GLY A 73 29.12 11.16 -9.99
C GLY A 73 29.66 10.58 -8.70
N ILE A 74 28.84 9.79 -7.97
CA ILE A 74 29.30 9.14 -6.74
C ILE A 74 30.35 8.10 -7.14
N ASN A 75 31.50 8.11 -6.45
CA ASN A 75 32.54 7.14 -6.73
C ASN A 75 31.98 5.73 -6.39
N PRO A 76 32.00 4.76 -7.35
CA PRO A 76 31.48 3.41 -7.08
C PRO A 76 32.17 2.79 -5.88
N ALA A 77 31.39 2.41 -4.85
CA ALA A 77 31.94 1.92 -3.60
C ALA A 77 31.00 0.89 -2.95
N PRO A 78 31.44 0.17 -1.88
CA PRO A 78 30.54 -0.78 -1.21
C PRO A 78 29.31 -0.07 -0.67
N ARG A 79 28.19 -0.78 -0.62
CA ARG A 79 26.93 -0.20 -0.13
C ARG A 79 27.15 0.29 1.30
N GLY A 80 26.52 1.42 1.64
CA GLY A 80 26.66 1.95 3.00
C GLY A 80 27.86 2.83 3.25
N MET A 81 28.83 2.85 2.32
CA MET A 81 30.03 3.65 2.43
C MET A 81 29.77 5.14 2.06
N PRO A 82 29.18 5.51 0.90
CA PRO A 82 28.95 6.95 0.62
C PRO A 82 28.10 7.67 1.67
N GLN A 83 28.41 8.94 1.91
CA GLN A 83 27.69 9.71 2.90
C GLN A 83 26.98 10.80 2.13
N ILE A 84 25.67 10.62 1.92
CA ILE A 84 24.83 11.52 1.15
C ILE A 84 24.00 12.33 2.12
N GLU A 85 24.37 13.59 2.31
CA GLU A 85 23.65 14.49 3.21
C GLU A 85 22.43 15.07 2.48
N VAL A 86 21.22 14.77 3.00
CA VAL A 86 19.98 15.28 2.46
C VAL A 86 19.45 16.36 3.42
N THR A 87 19.22 17.56 2.89
CA THR A 87 18.71 18.68 3.69
C THR A 87 17.37 19.18 3.20
N PHE A 88 16.43 19.34 4.14
CA PHE A 88 15.14 19.92 3.90
C PHE A 88 15.08 21.26 4.62
N ASP A 89 14.81 22.33 3.88
CA ASP A 89 14.73 23.66 4.45
C ASP A 89 13.47 24.35 3.98
N ILE A 90 12.58 24.73 4.93
CA ILE A 90 11.37 25.48 4.58
C ILE A 90 11.53 26.88 5.11
N ASP A 91 11.45 27.88 4.24
CA ASP A 91 11.56 29.26 4.69
C ASP A 91 10.26 29.77 5.30
N ALA A 92 10.25 31.03 5.78
CA ALA A 92 9.08 31.63 6.40
C ALA A 92 7.90 31.80 5.43
N ASP A 93 8.17 31.75 4.11
CA ASP A 93 7.14 31.86 3.06
C ASP A 93 6.57 30.51 2.62
N GLY A 94 7.03 29.44 3.24
CA GLY A 94 6.59 28.07 2.97
C GLY A 94 7.28 27.42 1.79
N ILE A 95 8.32 28.09 1.26
CA ILE A 95 9.04 27.57 0.11
C ILE A 95 10.00 26.45 0.57
N LEU A 96 9.92 25.28 -0.05
CA LEU A 96 10.78 24.17 0.39
C LEU A 96 12.00 23.99 -0.52
N HIS A 97 13.19 23.98 0.09
CA HIS A 97 14.45 23.74 -0.60
C HIS A 97 14.96 22.36 -0.17
N VAL A 98 15.20 21.47 -1.14
CA VAL A 98 15.70 20.13 -0.84
C VAL A 98 17.04 19.99 -1.58
N SER A 99 18.09 19.57 -0.85
CA SER A 99 19.42 19.39 -1.43
C SER A 99 20.01 18.07 -0.99
N ALA A 100 20.87 17.50 -1.83
CA ALA A 100 21.57 16.26 -1.50
C ALA A 100 23.01 16.44 -1.91
N LYS A 101 23.95 16.19 -0.99
CA LYS A 101 25.37 16.36 -1.26
C LYS A 101 26.16 15.11 -0.91
N ASP A 102 26.98 14.63 -1.86
CA ASP A 102 27.84 13.48 -1.59
C ASP A 102 29.13 14.04 -0.94
N LYS A 103 29.39 13.68 0.33
CA LYS A 103 30.53 14.19 1.08
C LYS A 103 31.88 13.94 0.47
N ASN A 104 32.09 12.76 -0.10
CA ASN A 104 33.36 12.39 -0.73
C ASN A 104 33.64 13.19 -1.98
N SER A 105 32.69 13.24 -2.94
CA SER A 105 32.96 13.94 -4.20
C SER A 105 32.69 15.42 -4.16
N GLY A 106 31.90 15.86 -3.18
CA GLY A 106 31.47 17.26 -3.10
C GLY A 106 30.32 17.56 -4.06
N LYS A 107 29.89 16.56 -4.87
CA LYS A 107 28.80 16.71 -5.85
C LYS A 107 27.47 16.99 -5.13
N GLU A 108 26.74 18.00 -5.61
CA GLU A 108 25.47 18.43 -4.99
C GLU A 108 24.40 18.72 -6.05
N GLN A 109 23.14 18.49 -5.70
CA GLN A 109 22.01 18.79 -6.55
C GLN A 109 20.90 19.28 -5.66
N LYS A 110 20.03 20.14 -6.18
CA LYS A 110 18.97 20.71 -5.35
C LYS A 110 17.73 21.00 -6.18
N ILE A 111 16.60 21.21 -5.48
CA ILE A 111 15.32 21.55 -6.09
C ILE A 111 14.61 22.55 -5.18
N THR A 112 13.82 23.43 -5.80
CA THR A 112 12.96 24.37 -5.09
C THR A 112 11.53 23.95 -5.32
N ILE A 113 10.74 23.84 -4.24
CA ILE A 113 9.32 23.46 -4.28
C ILE A 113 8.49 24.59 -3.71
N LYS A 114 7.59 25.15 -4.54
CA LYS A 114 6.68 26.27 -4.21
C LYS A 114 5.75 25.95 -3.03
N ALA A 115 5.45 26.96 -2.21
CA ALA A 115 4.57 26.82 -1.04
C ALA A 115 3.16 26.32 -1.36
N SER A 116 2.64 26.61 -2.58
CA SER A 116 1.31 26.20 -3.06
C SER A 116 1.27 24.70 -3.41
N SER A 117 2.44 24.04 -3.59
CA SER A 117 2.52 22.60 -3.94
C SER A 117 1.90 21.68 -2.86
N GLY A 118 1.65 20.43 -3.23
CA GLY A 118 1.13 19.44 -2.31
C GLY A 118 -0.38 19.38 -2.18
N LEU A 119 -0.80 18.79 -1.06
CA LEU A 119 -2.20 18.54 -0.77
C LEU A 119 -2.95 19.70 -0.15
N ASN A 120 -4.21 19.87 -0.54
CA ASN A 120 -5.05 20.94 0.01
C ASN A 120 -5.65 20.52 1.35
N GLU A 121 -6.39 21.42 2.03
CA GLU A 121 -7.03 21.17 3.32
C GLU A 121 -7.83 19.86 3.40
N ASP A 122 -8.70 19.59 2.39
CA ASP A 122 -9.52 18.34 2.39
C ASP A 122 -8.63 17.12 2.22
N GLU A 123 -7.65 17.19 1.29
CA GLU A 123 -6.69 16.11 1.03
C GLU A 123 -5.80 15.84 2.25
N ILE A 124 -5.46 16.91 3.04
CA ILE A 124 -4.68 16.80 4.28
C ILE A 124 -5.44 15.96 5.33
N GLN A 125 -6.72 16.33 5.59
CA GLN A 125 -7.61 15.63 6.50
C GLN A 125 -7.79 14.16 6.11
N LYS A 126 -7.97 13.90 4.79
CA LYS A 126 -8.12 12.53 4.26
C LYS A 126 -6.83 11.75 4.44
N MET A 127 -5.66 12.39 4.19
CA MET A 127 -4.34 11.76 4.40
C MET A 127 -4.19 11.32 5.89
N VAL A 128 -4.48 12.23 6.83
CA VAL A 128 -4.41 11.92 8.27
C VAL A 128 -5.36 10.75 8.66
N ARG A 129 -6.61 10.77 8.17
CA ARG A 129 -7.63 9.74 8.42
C ARG A 129 -7.19 8.39 7.84
N ASP A 130 -6.73 8.39 6.59
CA ASP A 130 -6.28 7.17 5.90
C ASP A 130 -5.06 6.58 6.56
N ALA A 131 -4.13 7.44 7.07
CA ALA A 131 -2.94 6.95 7.76
C ALA A 131 -3.33 6.26 9.06
N GLU A 132 -4.24 6.88 9.84
CA GLU A 132 -4.77 6.30 11.09
C GLU A 132 -5.52 4.99 10.81
N ALA A 133 -6.40 4.96 9.79
CA ALA A 133 -7.18 3.77 9.45
C ALA A 133 -6.28 2.59 9.01
N ASN A 134 -5.08 2.89 8.45
CA ASN A 134 -4.17 1.87 7.92
C ASN A 134 -2.89 1.74 8.74
N ALA A 135 -2.92 2.17 10.00
CA ALA A 135 -1.76 2.18 10.89
C ALA A 135 -1.10 0.80 11.06
N GLU A 136 -1.90 -0.25 11.33
CA GLU A 136 -1.35 -1.59 11.49
C GLU A 136 -0.78 -2.10 10.15
N ALA A 137 -1.52 -1.88 9.03
CA ALA A 137 -1.04 -2.33 7.71
C ALA A 137 0.25 -1.63 7.31
N ASP A 138 0.38 -0.30 7.57
CA ASP A 138 1.60 0.46 7.25
C ASP A 138 2.78 0.01 8.08
N ARG A 139 2.54 -0.35 9.36
CA ARG A 139 3.61 -0.85 10.27
C ARG A 139 4.06 -2.23 9.75
N LYS A 140 3.09 -3.08 9.34
CA LYS A 140 3.42 -4.41 8.79
C LYS A 140 4.24 -4.27 7.51
N PHE A 141 3.89 -3.27 6.64
CA PHE A 141 4.63 -3.04 5.40
C PHE A 141 6.08 -2.60 5.70
N GLU A 142 6.25 -1.69 6.65
CA GLU A 142 7.56 -1.19 7.09
C GLU A 142 8.43 -2.35 7.60
N GLU A 143 7.86 -3.27 8.41
CA GLU A 143 8.58 -4.45 8.91
C GLU A 143 8.99 -5.41 7.77
N LEU A 144 8.07 -5.62 6.79
CA LEU A 144 8.35 -6.43 5.61
C LEU A 144 9.53 -5.87 4.82
N VAL A 145 9.54 -4.55 4.57
CA VAL A 145 10.59 -3.90 3.78
C VAL A 145 11.94 -4.01 4.48
N GLN A 146 11.95 -3.84 5.79
CA GLN A 146 13.19 -3.96 6.54
C GLN A 146 13.73 -5.40 6.42
N THR A 147 12.84 -6.42 6.50
CA THR A 147 13.29 -7.84 6.30
C THR A 147 13.72 -8.06 4.85
N ARG A 148 12.97 -7.47 3.86
CA ARG A 148 13.32 -7.57 2.45
C ARG A 148 14.72 -6.97 2.17
N ASN A 149 15.00 -5.77 2.72
CA ASN A 149 16.31 -5.10 2.57
C ASN A 149 17.45 -5.94 3.14
N GLN A 150 17.24 -6.60 4.30
CA GLN A 150 18.27 -7.49 4.88
C GLN A 150 18.47 -8.72 4.00
N GLY A 151 17.38 -9.30 3.50
CA GLY A 151 17.40 -10.48 2.62
C GLY A 151 18.13 -10.20 1.33
N ASP A 152 17.85 -9.04 0.74
CA ASP A 152 18.47 -8.54 -0.48
C ASP A 152 19.99 -8.43 -0.25
N HIS A 153 20.39 -7.85 0.90
CA HIS A 153 21.81 -7.69 1.23
C HIS A 153 22.50 -9.01 1.49
N LEU A 154 21.75 -9.99 2.03
CA LEU A 154 22.24 -11.35 2.29
C LEU A 154 22.49 -12.09 0.96
N LEU A 155 21.59 -11.91 -0.02
CA LEU A 155 21.67 -12.47 -1.36
C LEU A 155 22.99 -11.99 -2.04
N HIS A 156 23.27 -10.67 -2.02
CA HIS A 156 24.47 -10.06 -2.60
C HIS A 156 25.74 -10.48 -1.89
N SER A 157 25.76 -10.38 -0.55
CA SER A 157 26.94 -10.75 0.24
C SER A 157 27.32 -12.23 0.12
N THR A 158 26.31 -13.15 0.08
CA THR A 158 26.53 -14.60 -0.08
C THR A 158 27.10 -14.91 -1.46
N ARG A 159 26.49 -14.33 -2.53
CA ARG A 159 26.93 -14.51 -3.90
C ARG A 159 28.36 -14.04 -4.12
N LYS A 160 28.75 -12.93 -3.44
CA LYS A 160 30.10 -12.37 -3.46
C LYS A 160 31.08 -13.35 -2.81
N GLN A 161 30.72 -13.92 -1.63
CA GLN A 161 31.53 -14.89 -0.89
C GLN A 161 31.75 -16.19 -1.69
N VAL A 162 30.70 -16.67 -2.41
CA VAL A 162 30.76 -17.89 -3.24
C VAL A 162 31.83 -17.75 -4.35
N GLU A 163 31.80 -16.64 -5.11
CA GLU A 163 32.79 -16.36 -6.17
C GLU A 163 34.21 -16.21 -5.60
N GLU A 164 34.34 -15.59 -4.41
CA GLU A 164 35.61 -15.38 -3.72
C GLU A 164 36.25 -16.69 -3.25
N ALA A 165 35.41 -17.64 -2.76
CA ALA A 165 35.87 -18.94 -2.27
C ALA A 165 36.27 -19.87 -3.44
N GLY A 166 35.42 -19.95 -4.46
CA GLY A 166 35.60 -20.76 -5.66
C GLY A 166 35.84 -22.24 -5.39
N ASP A 167 37.08 -22.70 -5.67
CA ASP A 167 37.54 -24.07 -5.48
C ASP A 167 37.56 -24.48 -4.00
N LYS A 168 37.78 -23.52 -3.07
CA LYS A 168 37.82 -23.73 -1.62
C LYS A 168 36.48 -24.22 -1.06
N LEU A 169 35.38 -23.90 -1.75
CA LEU A 169 34.04 -24.32 -1.35
C LEU A 169 33.73 -25.68 -1.99
N PRO A 170 33.45 -26.74 -1.18
CA PRO A 170 33.14 -28.06 -1.76
C PRO A 170 31.83 -28.07 -2.54
N ALA A 171 31.74 -28.91 -3.58
CA ALA A 171 30.60 -29.06 -4.50
C ALA A 171 29.25 -29.18 -3.78
N ASP A 172 29.16 -30.09 -2.77
CA ASP A 172 27.96 -30.36 -1.95
C ASP A 172 27.48 -29.11 -1.23
N ASP A 173 28.42 -28.26 -0.78
CA ASP A 173 28.14 -27.01 -0.09
C ASP A 173 27.66 -25.95 -1.07
N LYS A 174 28.41 -25.70 -2.18
CA LYS A 174 28.02 -24.71 -3.20
C LYS A 174 26.61 -24.99 -3.75
N THR A 175 26.30 -26.27 -4.05
CA THR A 175 25.00 -26.73 -4.56
C THR A 175 23.88 -26.31 -3.62
N ALA A 176 24.02 -26.63 -2.32
CA ALA A 176 23.04 -26.31 -1.28
C ALA A 176 22.83 -24.81 -1.11
N ILE A 177 23.94 -24.02 -1.13
CA ILE A 177 23.95 -22.57 -1.02
C ILE A 177 23.14 -21.94 -2.16
N GLU A 178 23.44 -22.35 -3.42
CA GLU A 178 22.76 -21.89 -4.64
C GLU A 178 21.26 -22.19 -4.60
N SER A 179 20.88 -23.38 -4.10
CA SER A 179 19.49 -23.81 -3.94
C SER A 179 18.79 -22.91 -2.92
N ALA A 180 19.47 -22.61 -1.78
CA ALA A 180 18.93 -21.74 -0.73
C ALA A 180 18.82 -20.28 -1.19
N LEU A 181 19.73 -19.83 -2.08
CA LEU A 181 19.70 -18.48 -2.64
C LEU A 181 18.47 -18.26 -3.53
N THR A 182 18.11 -19.28 -4.33
CA THR A 182 16.95 -19.23 -5.23
C THR A 182 15.67 -19.17 -4.40
N ALA A 183 15.58 -20.03 -3.35
CA ALA A 183 14.45 -20.06 -2.43
C ALA A 183 14.30 -18.69 -1.73
N LEU A 184 15.43 -18.08 -1.33
CA LEU A 184 15.40 -16.75 -0.70
C LEU A 184 14.95 -15.68 -1.69
N GLU A 185 15.51 -15.69 -2.93
CA GLU A 185 15.15 -14.76 -4.01
C GLU A 185 13.61 -14.79 -4.26
N THR A 186 13.01 -15.99 -4.30
CA THR A 186 11.57 -16.18 -4.48
C THR A 186 10.79 -15.60 -3.31
N ALA A 187 11.18 -15.95 -2.05
CA ALA A 187 10.46 -15.47 -0.87
C ALA A 187 10.43 -13.94 -0.79
N LEU A 188 11.54 -13.29 -1.19
CA LEU A 188 11.68 -11.82 -1.16
C LEU A 188 10.63 -11.08 -2.00
N LYS A 189 10.14 -11.71 -3.09
CA LYS A 189 9.11 -11.15 -3.97
C LYS A 189 7.72 -11.20 -3.33
N GLY A 190 7.56 -12.03 -2.31
CA GLY A 190 6.29 -12.16 -1.59
C GLY A 190 6.15 -11.15 -0.47
N GLU A 191 5.04 -11.21 0.25
CA GLU A 191 4.74 -10.27 1.33
C GLU A 191 4.66 -10.94 2.70
N ASP A 192 5.24 -12.14 2.83
CA ASP A 192 5.24 -12.84 4.11
C ASP A 192 6.64 -12.69 4.70
N LYS A 193 6.76 -11.85 5.74
CA LYS A 193 8.04 -11.56 6.42
C LYS A 193 8.65 -12.85 7.03
N ALA A 194 7.84 -13.65 7.76
CA ALA A 194 8.31 -14.90 8.37
C ALA A 194 8.87 -15.87 7.34
N ALA A 195 8.22 -15.96 6.13
CA ALA A 195 8.69 -16.82 5.03
C ALA A 195 10.10 -16.41 4.56
N ILE A 196 10.38 -15.09 4.46
CA ILE A 196 11.68 -14.55 4.07
C ILE A 196 12.74 -14.88 5.15
N GLU A 197 12.41 -14.61 6.43
CA GLU A 197 13.32 -14.90 7.54
C GLU A 197 13.66 -16.40 7.60
N ALA A 198 12.64 -17.27 7.36
CA ALA A 198 12.81 -18.72 7.33
C ALA A 198 13.79 -19.13 6.20
N LYS A 199 13.72 -18.48 5.02
CA LYS A 199 14.64 -18.78 3.90
C LYS A 199 16.03 -18.26 4.19
N MET A 200 16.14 -17.16 4.96
CA MET A 200 17.41 -16.59 5.41
C MET A 200 18.07 -17.59 6.39
N GLN A 201 17.26 -18.20 7.29
CA GLN A 201 17.71 -19.20 8.26
C GLN A 201 18.21 -20.46 7.55
N GLU A 202 17.45 -20.92 6.52
CA GLU A 202 17.81 -22.11 5.74
C GLU A 202 19.11 -21.89 4.97
N LEU A 203 19.37 -20.66 4.52
CA LEU A 203 20.60 -20.32 3.79
C LEU A 203 21.80 -20.38 4.77
N ALA A 204 21.63 -19.83 5.99
CA ALA A 204 22.63 -19.84 7.06
C ALA A 204 22.99 -21.28 7.44
N GLN A 205 21.98 -22.18 7.43
CA GLN A 205 22.17 -23.61 7.75
C GLN A 205 23.07 -24.34 6.75
N VAL A 206 23.11 -23.88 5.48
CA VAL A 206 23.95 -24.48 4.44
C VAL A 206 25.23 -23.68 4.11
N SER A 207 25.43 -22.51 4.75
CA SER A 207 26.57 -21.60 4.52
C SER A 207 27.74 -21.74 5.51
N GLN A 208 27.65 -22.66 6.48
CA GLN A 208 28.65 -22.88 7.54
C GLN A 208 30.11 -22.99 7.04
N LYS A 209 30.34 -23.74 5.95
CA LYS A 209 31.68 -23.91 5.36
C LYS A 209 32.12 -22.64 4.62
N LEU A 210 31.16 -21.92 4.00
CA LEU A 210 31.41 -20.65 3.29
C LEU A 210 31.83 -19.59 4.31
N MET A 211 31.29 -19.66 5.55
CA MET A 211 31.61 -18.72 6.64
C MET A 211 33.03 -18.91 7.19
N GLU A 212 33.50 -20.17 7.24
CA GLU A 212 34.86 -20.53 7.68
C GLU A 212 35.90 -19.99 6.70
N ILE A 213 35.54 -19.93 5.40
CA ILE A 213 36.40 -19.39 4.34
C ILE A 213 36.42 -17.86 4.46
N VAL B 1 -0.11 -2.70 -37.71
CA VAL B 1 0.66 -1.67 -36.99
C VAL B 1 1.75 -2.27 -36.09
N LEU B 2 2.86 -1.52 -35.87
CA LEU B 2 3.94 -1.89 -34.94
C LEU B 2 3.88 -0.98 -33.70
N LEU B 3 2.99 0.00 -33.72
CA LEU B 3 2.86 0.94 -32.61
C LEU B 3 1.37 1.02 -32.24
N LEU B 4 1.06 0.92 -30.93
CA LEU B 4 -0.30 1.07 -30.43
C LEU B 4 -0.27 1.88 -29.12
N ASP B 5 -1.10 2.93 -29.03
CA ASP B 5 -1.22 3.79 -27.84
C ASP B 5 -2.24 3.10 -26.90
N VAL B 6 -1.73 2.57 -25.77
CA VAL B 6 -2.52 1.77 -24.84
C VAL B 6 -2.40 2.22 -23.39
N THR B 7 -3.28 1.68 -22.51
CA THR B 7 -3.15 1.87 -21.05
C THR B 7 -2.05 0.89 -20.66
N PRO B 8 -0.92 1.29 -20.05
CA PRO B 8 0.11 0.27 -19.74
C PRO B 8 -0.26 -0.70 -18.62
N LEU B 9 -1.16 -0.27 -17.70
CA LEU B 9 -1.60 -1.03 -16.55
C LEU B 9 -3.12 -0.99 -16.39
N SER B 10 -3.70 -2.02 -15.74
CA SER B 10 -5.15 -2.09 -15.46
C SER B 10 -5.52 -0.90 -14.55
N LEU B 11 -6.74 -0.41 -14.74
CA LEU B 11 -7.30 0.70 -13.99
C LEU B 11 -8.58 0.21 -13.36
N GLY B 12 -8.77 0.52 -12.09
CA GLY B 12 -9.95 0.06 -11.39
C GLY B 12 -10.16 0.76 -10.07
N ILE B 13 -10.98 0.14 -9.21
CA ILE B 13 -11.33 0.75 -7.92
C ILE B 13 -11.14 -0.25 -6.79
N GLU B 14 -11.02 0.27 -5.57
CA GLU B 14 -10.94 -0.55 -4.37
C GLU B 14 -12.34 -1.01 -3.98
N THR B 15 -12.48 -2.31 -3.71
CA THR B 15 -13.78 -2.88 -3.32
C THR B 15 -13.63 -3.59 -1.99
N MET B 16 -14.75 -4.02 -1.42
CA MET B 16 -14.81 -4.64 -0.10
C MET B 16 -13.79 -5.78 0.12
N GLY B 17 -13.06 -5.66 1.22
CA GLY B 17 -12.02 -6.60 1.65
C GLY B 17 -10.61 -6.23 1.18
N GLY B 18 -10.43 -4.99 0.67
CA GLY B 18 -9.13 -4.51 0.22
C GLY B 18 -8.72 -5.09 -1.13
N VAL B 19 -9.68 -5.23 -2.03
CA VAL B 19 -9.47 -5.80 -3.36
C VAL B 19 -9.46 -4.73 -4.45
N MET B 20 -8.61 -4.90 -5.48
CA MET B 20 -8.71 -4.02 -6.63
C MET B 20 -9.60 -4.73 -7.65
N THR B 21 -10.67 -4.05 -8.12
CA THR B 21 -11.57 -4.57 -9.16
C THR B 21 -11.28 -3.75 -10.42
N THR B 22 -10.89 -4.41 -11.51
CA THR B 22 -10.54 -3.75 -12.75
C THR B 22 -11.75 -3.27 -13.53
N LEU B 23 -11.64 -2.05 -14.11
CA LEU B 23 -12.62 -1.52 -15.04
C LEU B 23 -12.03 -1.47 -16.46
N ILE B 24 -10.73 -1.20 -16.59
CA ILE B 24 -10.04 -1.17 -17.89
C ILE B 24 -8.80 -2.00 -17.74
N ALA B 25 -8.68 -3.09 -18.51
CA ALA B 25 -7.54 -3.99 -18.44
C ALA B 25 -6.29 -3.35 -18.98
N LYS B 26 -5.11 -3.85 -18.56
CA LYS B 26 -3.83 -3.36 -19.09
C LYS B 26 -3.80 -3.60 -20.61
N ASN B 27 -3.07 -2.75 -21.32
CA ASN B 27 -2.90 -2.82 -22.77
C ASN B 27 -4.16 -2.58 -23.61
N THR B 28 -5.18 -1.92 -23.04
CA THR B 28 -6.38 -1.58 -23.82
C THR B 28 -6.01 -0.35 -24.67
N THR B 29 -6.37 -0.39 -25.95
CA THR B 29 -6.15 0.75 -26.85
C THR B 29 -7.00 1.95 -26.44
N ILE B 30 -6.38 3.12 -26.47
CA ILE B 30 -7.08 4.33 -26.14
C ILE B 30 -7.53 5.01 -27.45
N PRO B 31 -8.67 5.75 -27.48
CA PRO B 31 -9.62 6.04 -26.39
C PRO B 31 -10.46 4.81 -26.05
N THR B 32 -10.90 4.74 -24.80
CA THR B 32 -11.70 3.63 -24.30
C THR B 32 -12.59 4.11 -23.17
N LYS B 33 -13.63 3.32 -22.88
CA LYS B 33 -14.56 3.54 -21.78
C LYS B 33 -15.21 2.24 -21.36
N HIS B 34 -15.50 2.12 -20.09
CA HIS B 34 -16.19 0.95 -19.53
C HIS B 34 -16.91 1.36 -18.26
N SER B 35 -18.06 0.74 -18.04
CA SER B 35 -18.91 0.93 -16.88
C SER B 35 -19.22 -0.40 -16.23
N GLN B 36 -19.35 -0.37 -14.91
CA GLN B 36 -19.75 -1.53 -14.11
C GLN B 36 -20.60 -1.05 -12.93
N VAL B 37 -21.63 -1.82 -12.58
CA VAL B 37 -22.54 -1.52 -11.47
C VAL B 37 -22.02 -2.19 -10.20
N PHE B 38 -21.84 -1.39 -9.16
CA PHE B 38 -21.40 -1.82 -7.83
C PHE B 38 -22.54 -1.53 -6.85
N SER B 39 -22.37 -1.95 -5.60
CA SER B 39 -23.34 -1.72 -4.52
C SER B 39 -22.64 -1.46 -3.19
N THR B 40 -23.42 -1.29 -2.13
CA THR B 40 -22.92 -0.98 -0.80
C THR B 40 -22.47 -2.24 -0.04
N ALA B 41 -21.41 -2.07 0.76
CA ALA B 41 -20.86 -3.14 1.60
C ALA B 41 -21.70 -3.46 2.82
N GLU B 42 -22.36 -2.45 3.44
CA GLU B 42 -23.15 -2.66 4.67
C GLU B 42 -24.58 -2.15 4.54
N ASP B 43 -25.50 -2.66 5.37
CA ASP B 43 -26.90 -2.23 5.42
C ASP B 43 -26.96 -0.77 5.83
N ASN B 44 -27.80 0.00 5.15
CA ASN B 44 -28.05 1.43 5.42
C ASN B 44 -26.86 2.36 5.24
N GLN B 45 -25.89 1.93 4.41
CA GLN B 45 -24.69 2.70 4.09
C GLN B 45 -25.14 3.88 3.22
N SER B 46 -24.86 5.11 3.69
CA SER B 46 -25.32 6.34 3.03
C SER B 46 -24.40 6.89 1.96
N ALA B 47 -23.18 6.37 1.90
CA ALA B 47 -22.16 6.85 0.98
C ALA B 47 -21.18 5.75 0.62
N VAL B 48 -20.49 5.91 -0.51
CA VAL B 48 -19.46 4.99 -0.98
C VAL B 48 -18.20 5.80 -1.31
N THR B 49 -17.03 5.21 -1.09
CA THR B 49 -15.77 5.86 -1.45
C THR B 49 -15.29 5.18 -2.73
N ILE B 50 -14.96 5.99 -3.76
CA ILE B 50 -14.42 5.53 -5.04
C ILE B 50 -12.92 5.83 -5.02
N HIS B 51 -12.11 4.81 -4.73
CA HIS B 51 -10.67 4.94 -4.63
C HIS B 51 -10.10 4.36 -5.91
N VAL B 52 -9.57 5.23 -6.79
CA VAL B 52 -9.10 4.87 -8.13
C VAL B 52 -7.66 4.37 -8.04
N LEU B 53 -7.43 3.19 -8.64
CA LEU B 53 -6.16 2.46 -8.58
C LEU B 53 -5.62 2.09 -9.95
N GLN B 54 -4.29 2.00 -10.02
CA GLN B 54 -3.58 1.58 -11.22
C GLN B 54 -2.62 0.42 -10.85
N GLY B 55 -2.74 -0.69 -11.56
CA GLY B 55 -1.85 -1.83 -11.29
C GLY B 55 -2.46 -3.19 -11.56
N GLU B 56 -1.66 -4.23 -11.34
CA GLU B 56 -2.04 -5.60 -11.65
C GLU B 56 -2.22 -6.50 -10.43
N ARG B 57 -2.06 -5.94 -9.22
CA ARG B 57 -2.21 -6.72 -7.99
C ARG B 57 -3.68 -6.83 -7.54
N LYS B 58 -4.08 -8.01 -7.01
CA LYS B 58 -5.45 -8.19 -6.50
C LYS B 58 -5.65 -7.47 -5.16
N ARG B 59 -4.57 -7.27 -4.37
CA ARG B 59 -4.59 -6.53 -3.10
C ARG B 59 -4.52 -5.04 -3.50
N ALA B 60 -5.60 -4.27 -3.22
CA ALA B 60 -5.70 -2.81 -3.52
C ALA B 60 -4.46 -2.04 -2.99
N ALA B 61 -3.99 -2.36 -1.76
CA ALA B 61 -2.84 -1.71 -1.11
C ALA B 61 -1.55 -1.77 -1.93
N ASP B 62 -1.40 -2.80 -2.78
CA ASP B 62 -0.21 -2.97 -3.61
C ASP B 62 -0.25 -2.29 -4.96
N ASN B 63 -1.36 -1.56 -5.27
CA ASN B 63 -1.50 -0.80 -6.51
C ASN B 63 -1.29 0.67 -6.28
N LYS B 64 -1.12 1.43 -7.37
CA LYS B 64 -0.90 2.86 -7.28
C LYS B 64 -2.22 3.63 -7.17
N SER B 65 -2.38 4.42 -6.08
CA SER B 65 -3.56 5.27 -5.84
C SER B 65 -3.50 6.49 -6.77
N LEU B 66 -4.55 6.69 -7.57
CA LEU B 66 -4.69 7.79 -8.52
C LEU B 66 -5.54 8.93 -8.00
N GLY B 67 -6.30 8.64 -6.98
CA GLY B 67 -7.18 9.63 -6.35
C GLY B 67 -8.40 8.98 -5.75
N GLN B 68 -9.28 9.80 -5.16
CA GLN B 68 -10.49 9.28 -4.52
C GLN B 68 -11.53 10.36 -4.37
N PHE B 69 -12.80 9.94 -4.33
CA PHE B 69 -13.91 10.82 -4.09
C PHE B 69 -15.02 9.99 -3.45
N ASN B 70 -15.96 10.66 -2.83
CA ASN B 70 -17.11 10.00 -2.25
C ASN B 70 -18.38 10.37 -3.01
N LEU B 71 -19.33 9.44 -3.03
CA LEU B 71 -20.67 9.66 -3.57
C LEU B 71 -21.58 9.46 -2.35
N ASP B 72 -22.27 10.52 -1.91
N ASP B 72 -22.26 10.54 -1.94
CA ASP B 72 -23.14 10.36 -0.75
CA ASP B 72 -23.13 10.60 -0.77
C ASP B 72 -24.61 10.38 -1.18
C ASP B 72 -24.61 10.60 -1.19
N GLY B 73 -25.51 10.49 -0.21
CA GLY B 73 -26.96 10.54 -0.43
C GLY B 73 -27.62 9.24 -0.83
N ILE B 74 -26.97 8.09 -0.57
CA ILE B 74 -27.55 6.79 -0.88
C ILE B 74 -28.68 6.53 0.13
N ASN B 75 -29.89 6.28 -0.37
CA ASN B 75 -31.03 6.05 0.49
C ASN B 75 -30.91 4.73 1.25
N PRO B 76 -31.50 4.63 2.46
CA PRO B 76 -31.42 3.39 3.24
C PRO B 76 -31.85 2.16 2.45
N ALA B 77 -31.12 1.05 2.61
CA ALA B 77 -31.36 -0.18 1.88
C ALA B 77 -30.49 -1.33 2.39
N PRO B 78 -30.92 -2.61 2.24
CA PRO B 78 -30.00 -3.71 2.58
C PRO B 78 -28.75 -3.63 1.71
N ARG B 79 -27.61 -4.13 2.23
CA ARG B 79 -26.34 -4.16 1.49
C ARG B 79 -26.56 -4.92 0.17
N GLY B 80 -25.86 -4.55 -0.90
CA GLY B 80 -26.03 -5.22 -2.19
C GLY B 80 -27.21 -4.79 -3.05
N MET B 81 -28.15 -3.98 -2.51
CA MET B 81 -29.31 -3.52 -3.27
CA MET B 81 -29.33 -3.49 -3.23
C MET B 81 -29.10 -2.19 -4.01
N PRO B 82 -28.46 -1.10 -3.44
CA PRO B 82 -28.25 0.09 -4.27
C PRO B 82 -27.42 -0.21 -5.53
N GLN B 83 -27.71 0.51 -6.62
CA GLN B 83 -27.00 0.36 -7.90
C GLN B 83 -26.16 1.63 -8.13
N ILE B 84 -24.85 1.52 -7.94
CA ILE B 84 -23.87 2.58 -8.13
C ILE B 84 -23.10 2.27 -9.43
N GLU B 85 -23.41 3.01 -10.49
CA GLU B 85 -22.73 2.79 -11.77
C GLU B 85 -21.43 3.56 -11.75
N VAL B 86 -20.32 2.83 -11.92
CA VAL B 86 -18.99 3.43 -11.99
C VAL B 86 -18.51 3.39 -13.46
N THR B 87 -18.11 4.54 -14.00
CA THR B 87 -17.64 4.66 -15.37
C THR B 87 -16.21 5.20 -15.44
N PHE B 88 -15.36 4.52 -16.22
CA PHE B 88 -13.99 4.98 -16.48
C PHE B 88 -13.94 5.33 -17.96
N ASP B 89 -13.47 6.54 -18.30
CA ASP B 89 -13.38 6.99 -19.67
C ASP B 89 -12.01 7.64 -19.88
N ILE B 90 -11.22 7.11 -20.80
CA ILE B 90 -9.92 7.71 -21.14
C ILE B 90 -10.05 8.23 -22.53
N ASP B 91 -9.82 9.54 -22.70
CA ASP B 91 -9.90 10.17 -24.00
C ASP B 91 -8.60 9.98 -24.79
N ALA B 92 -8.57 10.54 -26.00
CA ALA B 92 -7.42 10.52 -26.89
C ALA B 92 -6.19 11.24 -26.31
N ASP B 93 -6.39 12.10 -25.30
CA ASP B 93 -5.32 12.83 -24.64
C ASP B 93 -4.77 12.09 -23.44
N GLY B 94 -5.34 10.92 -23.15
CA GLY B 94 -4.89 10.09 -22.05
C GLY B 94 -5.39 10.53 -20.70
N ILE B 95 -6.36 11.48 -20.68
CA ILE B 95 -6.97 11.96 -19.43
C ILE B 95 -8.03 10.98 -18.98
N LEU B 96 -7.98 10.58 -17.69
CA LEU B 96 -8.94 9.65 -17.14
C LEU B 96 -10.09 10.34 -16.40
N HIS B 97 -11.32 10.04 -16.84
CA HIS B 97 -12.55 10.57 -16.24
C HIS B 97 -13.24 9.44 -15.49
N VAL B 98 -13.39 9.61 -14.18
CA VAL B 98 -14.05 8.61 -13.34
C VAL B 98 -15.32 9.19 -12.74
N SER B 99 -16.46 8.51 -12.96
CA SER B 99 -17.73 8.92 -12.39
C SER B 99 -18.43 7.79 -11.68
N ALA B 100 -19.25 8.15 -10.70
CA ALA B 100 -20.08 7.20 -9.95
C ALA B 100 -21.46 7.82 -9.85
N LYS B 101 -22.50 7.07 -10.26
CA LYS B 101 -23.86 7.54 -10.14
C LYS B 101 -24.80 6.52 -9.53
N ASP B 102 -25.64 7.01 -8.62
CA ASP B 102 -26.64 6.22 -7.94
C ASP B 102 -27.94 6.33 -8.74
N LYS B 103 -28.39 5.18 -9.26
CA LYS B 103 -29.59 5.04 -10.10
C LYS B 103 -30.92 5.35 -9.36
N ASN B 104 -30.95 5.19 -8.02
CA ASN B 104 -32.14 5.50 -7.22
C ASN B 104 -32.21 6.99 -6.88
N SER B 105 -31.13 7.58 -6.32
CA SER B 105 -31.16 9.00 -5.92
C SER B 105 -30.90 9.96 -7.06
N GLY B 106 -30.29 9.48 -8.13
CA GLY B 106 -29.91 10.29 -9.28
C GLY B 106 -28.64 11.09 -9.05
N LYS B 107 -28.03 10.98 -7.85
CA LYS B 107 -26.80 11.69 -7.46
C LYS B 107 -25.57 11.14 -8.15
N GLU B 108 -24.66 12.04 -8.52
CA GLU B 108 -23.45 11.71 -9.24
C GLU B 108 -22.28 12.53 -8.76
N GLN B 109 -21.10 11.91 -8.70
CA GLN B 109 -19.84 12.55 -8.38
C GLN B 109 -18.81 12.08 -9.37
N LYS B 110 -17.80 12.91 -9.62
CA LYS B 110 -16.77 12.53 -10.59
C LYS B 110 -15.42 13.18 -10.29
N ILE B 111 -14.36 12.62 -10.86
CA ILE B 111 -13.03 13.22 -10.79
C ILE B 111 -12.37 13.13 -12.17
N THR B 112 -11.36 13.96 -12.36
CA THR B 112 -10.56 13.99 -13.58
C THR B 112 -9.14 13.74 -13.11
N ILE B 113 -8.48 12.79 -13.76
CA ILE B 113 -7.10 12.39 -13.43
C ILE B 113 -6.25 12.63 -14.67
N LYS B 114 -5.23 13.50 -14.55
CA LYS B 114 -4.36 13.89 -15.67
C LYS B 114 -3.51 12.73 -16.22
N ALA B 115 -3.21 12.79 -17.51
CA ALA B 115 -2.44 11.75 -18.22
C ALA B 115 -1.09 11.34 -17.62
N SER B 116 -0.40 12.26 -16.92
CA SER B 116 0.92 12.04 -16.30
C SER B 116 0.84 11.29 -14.97
N SER B 117 -0.37 11.11 -14.43
CA SER B 117 -0.59 10.43 -13.15
C SER B 117 -0.16 8.98 -13.18
N GLY B 118 0.01 8.40 -12.00
CA GLY B 118 0.38 6.99 -11.89
C GLY B 118 1.84 6.64 -12.03
N LEU B 119 2.08 5.40 -12.46
CA LEU B 119 3.45 4.86 -12.55
C LEU B 119 4.20 5.17 -13.82
N ASN B 120 5.52 5.46 -13.69
CA ASN B 120 6.39 5.73 -14.82
C ASN B 120 6.81 4.39 -15.46
N GLU B 121 7.48 4.42 -16.63
CA GLU B 121 7.92 3.20 -17.35
C GLU B 121 8.67 2.18 -16.49
N ASP B 122 9.64 2.62 -15.69
CA ASP B 122 10.39 1.70 -14.82
C ASP B 122 9.48 0.99 -13.80
N GLU B 123 8.53 1.73 -13.21
CA GLU B 123 7.58 1.20 -12.24
C GLU B 123 6.54 0.30 -12.88
N ILE B 124 6.16 0.56 -14.13
CA ILE B 124 5.16 -0.26 -14.87
C ILE B 124 5.73 -1.67 -15.06
N GLN B 125 7.01 -1.74 -15.47
CA GLN B 125 7.77 -2.96 -15.74
C GLN B 125 7.88 -3.78 -14.43
N LYS B 126 8.23 -3.12 -13.32
CA LYS B 126 8.29 -3.73 -11.98
C LYS B 126 6.93 -4.26 -11.57
N MET B 127 5.85 -3.48 -11.83
CA MET B 127 4.48 -3.87 -11.48
C MET B 127 4.07 -5.17 -12.16
N VAL B 128 4.31 -5.29 -13.49
CA VAL B 128 3.98 -6.48 -14.29
C VAL B 128 4.69 -7.74 -13.72
N ARG B 129 5.99 -7.63 -13.43
CA ARG B 129 6.81 -8.71 -12.87
C ARG B 129 6.35 -9.10 -11.45
N ASP B 130 5.99 -8.09 -10.62
CA ASP B 130 5.51 -8.27 -9.25
C ASP B 130 4.19 -9.05 -9.21
N ALA B 131 3.25 -8.71 -10.10
CA ALA B 131 1.96 -9.41 -10.19
C ALA B 131 2.18 -10.84 -10.67
N GLU B 132 3.12 -11.07 -11.60
CA GLU B 132 3.47 -12.42 -12.07
C GLU B 132 4.02 -13.25 -10.90
N ALA B 133 4.97 -12.69 -10.11
CA ALA B 133 5.57 -13.36 -8.96
C ALA B 133 4.55 -13.61 -7.83
N ASN B 134 3.52 -12.77 -7.76
CA ASN B 134 2.51 -12.88 -6.71
C ASN B 134 1.17 -13.41 -7.16
N ALA B 135 1.10 -14.03 -8.36
CA ALA B 135 -0.15 -14.57 -8.94
C ALA B 135 -0.89 -15.59 -8.04
N GLU B 136 -0.14 -16.56 -7.49
CA GLU B 136 -0.68 -17.61 -6.63
C GLU B 136 -1.15 -17.08 -5.28
N ALA B 137 -0.30 -16.25 -4.64
CA ALA B 137 -0.62 -15.56 -3.38
C ALA B 137 -1.88 -14.67 -3.55
N ASP B 138 -2.03 -13.97 -4.69
CA ASP B 138 -3.20 -13.11 -4.93
C ASP B 138 -4.45 -13.95 -5.14
N ARG B 139 -4.31 -15.14 -5.73
CA ARG B 139 -5.41 -16.08 -5.95
C ARG B 139 -5.87 -16.58 -4.55
N LYS B 140 -4.91 -16.81 -3.64
CA LYS B 140 -5.20 -17.22 -2.25
C LYS B 140 -5.84 -16.07 -1.48
N PHE B 141 -5.37 -14.83 -1.71
CA PHE B 141 -5.95 -13.64 -1.09
C PHE B 141 -7.43 -13.48 -1.47
N GLU B 142 -7.74 -13.68 -2.77
CA GLU B 142 -9.12 -13.60 -3.28
C GLU B 142 -10.08 -14.60 -2.60
N GLU B 143 -9.58 -15.80 -2.23
CA GLU B 143 -10.36 -16.79 -1.48
C GLU B 143 -10.57 -16.28 -0.06
N LEU B 144 -9.52 -15.72 0.56
CA LEU B 144 -9.61 -15.18 1.91
C LEU B 144 -10.61 -14.04 2.06
N VAL B 145 -10.69 -13.14 1.04
CA VAL B 145 -11.61 -11.99 0.97
C VAL B 145 -13.11 -12.40 1.04
N GLN B 146 -13.51 -13.40 0.25
CA GLN B 146 -14.88 -13.92 0.26
C GLN B 146 -15.30 -14.34 1.70
N THR B 147 -14.42 -15.04 2.44
CA THR B 147 -14.66 -15.43 3.82
C THR B 147 -14.64 -14.21 4.73
N ARG B 148 -13.64 -13.30 4.55
CA ARG B 148 -13.54 -12.07 5.33
C ARG B 148 -14.80 -11.22 5.23
N ASN B 149 -15.34 -11.06 4.02
CA ASN B 149 -16.56 -10.27 3.77
C ASN B 149 -17.79 -10.88 4.44
N GLN B 150 -17.92 -12.24 4.45
CA GLN B 150 -19.00 -12.97 5.12
C GLN B 150 -18.92 -12.69 6.62
N GLY B 151 -17.71 -12.81 7.16
CA GLY B 151 -17.39 -12.55 8.57
C GLY B 151 -17.74 -11.14 8.98
N ASP B 152 -17.33 -10.18 8.15
CA ASP B 152 -17.61 -8.76 8.34
C ASP B 152 -19.11 -8.47 8.33
N HIS B 153 -19.85 -9.12 7.41
CA HIS B 153 -21.31 -8.97 7.28
C HIS B 153 -22.04 -9.50 8.49
N LEU B 154 -21.56 -10.63 9.06
CA LEU B 154 -22.15 -11.25 10.25
C LEU B 154 -21.93 -10.39 11.48
N LEU B 155 -20.71 -9.86 11.62
CA LEU B 155 -20.32 -8.95 12.71
C LEU B 155 -21.26 -7.72 12.73
N HIS B 156 -21.45 -7.08 11.56
CA HIS B 156 -22.35 -5.93 11.41
C HIS B 156 -23.82 -6.26 11.67
N SER B 157 -24.32 -7.41 11.13
CA SER B 157 -25.71 -7.84 11.30
CA SER B 157 -25.70 -7.84 11.30
C SER B 157 -26.04 -8.15 12.76
N THR B 158 -25.09 -8.81 13.47
CA THR B 158 -25.23 -9.18 14.89
C THR B 158 -25.29 -7.91 15.77
N ARG B 159 -24.39 -6.94 15.54
CA ARG B 159 -24.35 -5.69 16.30
C ARG B 159 -25.65 -4.90 16.15
N LYS B 160 -26.21 -4.85 14.91
CA LYS B 160 -27.48 -4.18 14.60
C LYS B 160 -28.63 -4.88 15.34
N GLN B 161 -28.58 -6.24 15.41
CA GLN B 161 -29.57 -7.08 16.08
C GLN B 161 -29.54 -6.91 17.61
N VAL B 162 -28.31 -6.80 18.18
CA VAL B 162 -28.09 -6.62 19.62
C VAL B 162 -28.61 -5.22 20.06
N GLU B 163 -28.37 -4.17 19.23
CA GLU B 163 -28.82 -2.80 19.46
C GLU B 163 -30.36 -2.69 19.44
N GLU B 164 -31.01 -3.35 18.45
CA GLU B 164 -32.47 -3.38 18.29
C GLU B 164 -33.15 -4.14 19.43
N ALA B 165 -32.55 -5.26 19.89
CA ALA B 165 -33.07 -6.08 20.98
C ALA B 165 -33.03 -5.36 22.34
N GLY B 166 -31.83 -4.89 22.72
CA GLY B 166 -31.57 -4.17 23.96
C GLY B 166 -32.00 -4.90 25.22
N ASP B 167 -33.02 -4.33 25.91
CA ASP B 167 -33.65 -4.79 27.14
C ASP B 167 -34.14 -6.24 27.09
N LYS B 168 -34.73 -6.67 25.95
CA LYS B 168 -35.27 -8.01 25.71
C LYS B 168 -34.21 -9.11 25.80
N LEU B 169 -32.99 -8.82 25.31
CA LEU B 169 -31.85 -9.74 25.30
C LEU B 169 -31.25 -9.90 26.70
N PRO B 170 -31.29 -11.12 27.30
CA PRO B 170 -30.69 -11.33 28.64
C PRO B 170 -29.22 -10.91 28.63
N ALA B 171 -28.80 -10.14 29.65
CA ALA B 171 -27.46 -9.60 29.75
C ALA B 171 -26.33 -10.62 29.79
N ASP B 172 -26.62 -11.88 30.18
CA ASP B 172 -25.62 -12.96 30.16
C ASP B 172 -25.42 -13.44 28.72
N ASP B 173 -26.50 -13.40 27.89
CA ASP B 173 -26.45 -13.73 26.46
C ASP B 173 -25.66 -12.63 25.73
N LYS B 174 -25.87 -11.34 26.15
CA LYS B 174 -25.17 -10.18 25.59
C LYS B 174 -23.66 -10.22 25.90
N THR B 175 -23.29 -10.75 27.09
CA THR B 175 -21.90 -10.90 27.53
C THR B 175 -21.18 -11.89 26.60
N ALA B 176 -21.82 -13.06 26.34
CA ALA B 176 -21.33 -14.12 25.47
C ALA B 176 -21.25 -13.67 24.02
N ILE B 177 -22.21 -12.83 23.57
CA ILE B 177 -22.25 -12.30 22.20
C ILE B 177 -21.12 -11.29 21.96
N GLU B 178 -20.96 -10.31 22.87
CA GLU B 178 -19.92 -9.27 22.77
C GLU B 178 -18.49 -9.85 22.82
N SER B 179 -18.31 -10.96 23.57
CA SER B 179 -17.04 -11.67 23.66
C SER B 179 -16.74 -12.35 22.30
N ALA B 180 -17.77 -12.99 21.70
CA ALA B 180 -17.71 -13.69 20.42
C ALA B 180 -17.57 -12.73 19.24
N LEU B 181 -18.11 -11.49 19.35
CA LEU B 181 -17.98 -10.45 18.32
C LEU B 181 -16.52 -9.96 18.28
N THR B 182 -15.90 -9.79 19.47
CA THR B 182 -14.52 -9.34 19.58
C THR B 182 -13.54 -10.39 19.04
N ALA B 183 -13.85 -11.68 19.29
CA ALA B 183 -13.06 -12.82 18.81
C ALA B 183 -13.11 -12.89 17.27
N LEU B 184 -14.30 -12.67 16.69
CA LEU B 184 -14.48 -12.67 15.24
C LEU B 184 -13.71 -11.52 14.60
N GLU B 185 -13.81 -10.32 15.21
CA GLU B 185 -13.10 -9.12 14.79
C GLU B 185 -11.58 -9.36 14.73
N THR B 186 -11.02 -10.04 15.76
CA THR B 186 -9.59 -10.37 15.83
C THR B 186 -9.19 -11.38 14.72
N ALA B 187 -10.01 -12.44 14.51
CA ALA B 187 -9.79 -13.46 13.48
C ALA B 187 -9.79 -12.87 12.06
N LEU B 188 -10.64 -11.85 11.81
CA LEU B 188 -10.76 -11.18 10.51
C LEU B 188 -9.47 -10.44 10.07
N LYS B 189 -8.57 -10.13 11.03
CA LYS B 189 -7.29 -9.45 10.78
C LYS B 189 -6.28 -10.44 10.18
N GLY B 190 -6.44 -11.73 10.50
CA GLY B 190 -5.59 -12.82 10.04
C GLY B 190 -5.88 -13.33 8.65
N GLU B 191 -5.06 -14.29 8.16
CA GLU B 191 -5.23 -14.84 6.81
C GLU B 191 -5.65 -16.33 6.78
N ASP B 192 -6.16 -16.84 7.92
CA ASP B 192 -6.63 -18.21 8.03
C ASP B 192 -8.17 -18.21 7.84
N LYS B 193 -8.64 -18.87 6.75
CA LYS B 193 -10.05 -18.99 6.39
C LYS B 193 -10.82 -19.77 7.48
N ALA B 194 -10.27 -20.93 7.88
CA ALA B 194 -10.83 -21.81 8.90
C ALA B 194 -11.03 -21.06 10.24
N ALA B 195 -10.03 -20.24 10.62
CA ALA B 195 -10.07 -19.46 11.87
C ALA B 195 -11.23 -18.47 11.89
N ILE B 196 -11.53 -17.84 10.71
CA ILE B 196 -12.65 -16.91 10.56
C ILE B 196 -13.97 -17.67 10.66
N GLU B 197 -14.12 -18.77 9.88
CA GLU B 197 -15.32 -19.59 9.92
C GLU B 197 -15.60 -20.15 11.31
N ALA B 198 -14.53 -20.50 12.06
CA ALA B 198 -14.63 -21.03 13.44
C ALA B 198 -15.19 -19.98 14.40
N LYS B 199 -14.72 -18.72 14.28
CA LYS B 199 -15.23 -17.61 15.09
C LYS B 199 -16.65 -17.19 14.72
N MET B 200 -17.05 -17.35 13.44
CA MET B 200 -18.43 -17.08 13.01
C MET B 200 -19.33 -18.12 13.69
N GLN B 201 -18.84 -19.37 13.80
CA GLN B 201 -19.53 -20.48 14.46
C GLN B 201 -19.73 -20.20 15.95
N GLU B 202 -18.67 -19.70 16.63
CA GLU B 202 -18.70 -19.39 18.07
C GLU B 202 -19.73 -18.30 18.36
N LEU B 203 -19.88 -17.35 17.43
CA LEU B 203 -20.86 -16.28 17.56
C LEU B 203 -22.28 -16.82 17.40
N ALA B 204 -22.52 -17.70 16.39
CA ALA B 204 -23.82 -18.34 16.12
C ALA B 204 -24.29 -19.19 17.32
N GLN B 205 -23.34 -19.86 17.98
CA GLN B 205 -23.59 -20.72 19.15
C GLN B 205 -24.15 -19.95 20.35
N VAL B 206 -23.82 -18.64 20.47
CA VAL B 206 -24.25 -17.78 21.59
C VAL B 206 -25.38 -16.78 21.23
N SER B 207 -25.80 -16.74 19.95
CA SER B 207 -26.82 -15.82 19.41
C SER B 207 -28.21 -16.46 19.18
N GLN B 208 -28.48 -17.65 19.75
CA GLN B 208 -29.74 -18.38 19.60
C GLN B 208 -30.97 -17.58 20.09
N LYS B 209 -30.88 -16.99 21.31
CA LYS B 209 -31.95 -16.19 21.91
C LYS B 209 -32.10 -14.84 21.18
N LEU B 210 -30.95 -14.27 20.75
CA LEU B 210 -30.84 -13.01 20.00
C LEU B 210 -31.58 -13.13 18.66
N MET B 211 -31.37 -14.26 17.94
CA MET B 211 -32.01 -14.55 16.66
C MET B 211 -33.53 -14.76 16.79
N GLU B 212 -33.97 -15.28 17.96
CA GLU B 212 -35.39 -15.51 18.28
C GLU B 212 -36.09 -14.17 18.53
N ILE B 213 -35.42 -13.24 19.26
CA ILE B 213 -35.90 -11.89 19.57
C ILE B 213 -36.04 -11.08 18.26
N ALA B 214 -35.01 -11.15 17.38
CA ALA B 214 -34.95 -10.48 16.09
C ALA B 214 -36.09 -10.88 15.15
N GLN B 215 -36.49 -12.18 15.15
CA GLN B 215 -37.57 -12.69 14.30
C GLN B 215 -39.00 -12.48 14.85
N GLN B 216 -39.14 -11.89 16.05
CA GLN B 216 -40.44 -11.59 16.67
C GLN B 216 -41.13 -10.43 15.94
N ARG C 2 23.69 1.72 10.13
CA ARG C 2 22.82 2.76 10.69
C ARG C 2 22.17 3.69 9.63
N PRO C 3 22.92 4.39 8.72
CA PRO C 3 22.23 5.27 7.74
C PRO C 3 21.24 4.52 6.88
N ILE C 4 20.12 5.18 6.60
CA ILE C 4 19.06 4.65 5.74
C ILE C 4 19.60 4.71 4.30
N LEU C 5 19.13 3.80 3.43
CA LEU C 5 19.62 3.67 2.08
C LEU C 5 18.76 4.22 0.95
N LEU C 6 19.43 4.74 -0.07
CA LEU C 6 18.75 5.32 -1.25
C LEU C 6 18.87 4.44 -2.49
N PRO C 7 17.77 4.25 -3.23
CA PRO C 7 17.88 3.47 -4.48
C PRO C 7 18.31 4.35 -5.67
N TRP C 8 18.59 3.70 -6.79
CA TRP C 8 18.87 4.38 -8.05
C TRP C 8 17.70 3.99 -8.94
N ARG C 9 16.94 4.98 -9.39
CA ARG C 9 15.75 4.69 -10.17
C ARG C 9 15.97 4.58 -11.69
N ARG D 2 -24.24 -11.15 -6.43
CA ARG D 2 -23.58 -10.85 -7.71
C ARG D 2 -22.82 -9.51 -7.76
N PRO D 3 -23.41 -8.32 -7.42
CA PRO D 3 -22.63 -7.08 -7.51
C PRO D 3 -21.43 -7.06 -6.55
N ILE D 4 -20.35 -6.40 -6.96
CA ILE D 4 -19.15 -6.20 -6.14
C ILE D 4 -19.48 -5.03 -5.20
N LEU D 5 -19.06 -5.10 -3.95
CA LEU D 5 -19.43 -4.09 -2.97
C LEU D 5 -18.36 -3.04 -2.69
N LEU D 6 -18.83 -1.84 -2.31
CA LEU D 6 -18.01 -0.65 -2.02
C LEU D 6 -17.98 -0.23 -0.57
N PRO D 7 -16.77 0.04 -0.04
CA PRO D 7 -16.66 0.51 1.34
C PRO D 7 -16.95 2.01 1.47
N TRP D 8 -16.97 2.51 2.71
CA TRP D 8 -17.16 3.91 3.01
C TRP D 8 -16.05 4.35 3.97
N ARG D 9 -15.25 5.33 3.55
CA ARG D 9 -14.15 5.83 4.37
C ARG D 9 -14.47 7.15 5.05
#